data_4J54
#
_entry.id   4J54
#
_cell.length_a   28.572
_cell.length_b   65.788
_cell.length_c   92.821
_cell.angle_alpha   90.00
_cell.angle_beta   90.00
_cell.angle_gamma   90.00
#
_symmetry.space_group_name_H-M   'P 21 21 21'
#
loop_
_entity.id
_entity.type
_entity.pdbx_description
1 polymer Protease
2 non-polymer "(3R,3aS,3bR,6aS,7aS)-octahydrodifuro[2,3-b:3',2'-d]furan-3-yl [(1S,2R)-1-benzyl-2-hydroxy-3-{[(4-methoxyphenyl)sulfonyl](2-methylpropyl)amino}propyl]carbamate"
3 non-polymer 'IODIDE ION'
4 non-polymer 'ACETATE ION'
5 water water
#
_entity_poly.entity_id   1
_entity_poly.type   'polypeptide(L)'
_entity_poly.pdbx_seq_one_letter_code
;PQITLWKRPFVTVKVGGQLKEALLDTGADNTIFEDINLPGRWKPKMVGGIGGFLKVREYDQVPIEIAGHKVIGTVLVGPT
PVNVIGRDTMTQIGATLNF
;
_entity_poly.pdbx_strand_id   A,B
#
loop_
_chem_comp.id
_chem_comp.type
_chem_comp.name
_chem_comp.formula
ACT non-polymer 'ACETATE ION' 'C2 H3 O2 -1'
G52 non-polymer '(3R,3aS,3bR,6aS,7aS)-octahydrodifuro[2,3-b:3',2'-d]furan-3-yl [(1S,2R)-1-benzyl-2-hydroxy-3-{[(4-methoxyphenyl)sulfonyl](2-methylpropyl)amino}propyl]carbamate' 'C30 H40 N2 O9 S'
IOD non-polymer 'IODIDE ION' 'I -1'
#
# COMPACT_ATOMS: atom_id res chain seq x y z
N PRO A 1 17.67 4.33 3.34
CA PRO A 1 17.22 4.59 4.70
C PRO A 1 16.46 3.39 5.26
N GLN A 2 16.24 3.45 6.56
CA GLN A 2 15.36 2.53 7.27
C GLN A 2 14.17 3.38 7.72
N ILE A 3 12.98 3.13 7.16
CA ILE A 3 11.84 4.02 7.32
C ILE A 3 10.79 3.42 8.25
N THR A 4 10.52 4.09 9.36
CA THR A 4 9.43 3.67 10.24
C THR A 4 8.10 4.17 9.67
N LEU A 5 7.00 3.69 10.27
CA LEU A 5 5.73 3.95 9.57
C LEU A 5 4.77 4.76 10.41
N TRP A 6 5.28 5.56 11.36
CA TRP A 6 4.46 6.46 12.14
C TRP A 6 3.79 7.53 11.32
N LYS A 7 4.38 7.89 10.18
CA LYS A 7 3.67 8.74 9.22
C LYS A 7 3.68 8.02 7.87
N ARG A 8 2.84 8.51 6.95
CA ARG A 8 2.87 7.93 5.61
C ARG A 8 4.26 8.01 4.98
N PRO A 9 4.79 6.93 4.40
CA PRO A 9 6.14 6.96 3.86
C PRO A 9 6.17 7.58 2.46
N PHE A 10 6.09 8.92 2.44
CA PHE A 10 6.28 9.63 1.18
C PHE A 10 7.77 9.72 0.87
N VAL A 11 8.12 9.64 -0.40
CA VAL A 11 9.49 9.88 -0.84
C VAL A 11 9.48 10.84 -2.01
N THR A 12 10.59 11.54 -2.15
CA THR A 12 10.85 12.39 -3.29
C THR A 12 11.13 11.48 -4.48
N VAL A 13 10.48 11.74 -5.59
CA VAL A 13 10.79 10.96 -6.79
C VAL A 13 10.89 11.89 -8.01
N LYS A 14 11.93 11.67 -8.81
CA LYS A 14 12.02 12.35 -10.09
C LYS A 14 11.47 11.38 -11.14
N VAL A 15 10.41 11.80 -11.81
CA VAL A 15 9.82 10.84 -12.78
C VAL A 15 9.73 11.54 -14.13
N GLY A 16 10.44 10.98 -15.11
N GLY A 16 10.46 10.98 -15.10
CA GLY A 16 10.52 11.53 -16.45
CA GLY A 16 10.67 11.73 -16.34
C GLY A 16 10.79 13.04 -16.44
C GLY A 16 11.47 12.96 -15.96
N GLY A 17 11.79 13.45 -15.68
N GLY A 17 11.04 14.16 -16.36
CA GLY A 17 12.20 14.82 -15.55
CA GLY A 17 11.80 15.33 -15.96
C GLY A 17 11.68 15.65 -14.39
C GLY A 17 11.19 16.07 -14.80
N GLN A 18 10.48 15.40 -13.88
CA GLN A 18 9.84 16.22 -12.85
C GLN A 18 9.93 15.67 -11.43
N LEU A 19 10.30 16.54 -10.51
CA LEU A 19 10.38 16.23 -9.09
C LEU A 19 9.00 16.12 -8.46
N LYS A 20 8.62 14.92 -8.02
CA LYS A 20 7.30 14.74 -7.46
C LYS A 20 7.46 14.02 -6.11
N GLU A 21 6.31 13.76 -5.50
CA GLU A 21 6.32 13.07 -4.22
C GLU A 21 5.38 11.89 -4.32
N ALA A 22 5.62 10.74 -3.67
CA ALA A 22 4.69 9.62 -3.85
C ALA A 22 4.83 8.70 -2.66
N LEU A 23 3.77 7.92 -2.45
CA LEU A 23 3.70 7.05 -1.26
C LEU A 23 4.31 5.69 -1.52
N LEU A 24 5.30 5.28 -0.74
CA LEU A 24 5.82 3.92 -0.90
C LEU A 24 4.71 2.96 -0.44
N ASP A 25 4.22 2.12 -1.34
CA ASP A 25 2.98 1.39 -1.06
C ASP A 25 3.13 -0.08 -1.35
N THR A 26 3.46 -0.85 -0.31
CA THR A 26 3.78 -2.26 -0.51
C THR A 26 2.54 -3.06 -0.88
N GLY A 27 1.36 -2.49 -0.63
CA GLY A 27 0.17 -3.19 -1.10
C GLY A 27 -0.23 -2.86 -2.53
N ALA A 28 0.58 -2.09 -3.24
CA ALA A 28 0.31 -1.74 -4.63
C ALA A 28 1.23 -2.49 -5.57
N ASP A 29 0.64 -3.16 -6.55
CA ASP A 29 1.52 -3.81 -7.54
C ASP A 29 2.10 -2.78 -8.51
N ASN A 30 1.40 -1.68 -8.77
CA ASN A 30 1.76 -0.73 -9.79
C ASN A 30 2.13 0.65 -9.23
N THR A 31 2.90 1.39 -10.03
CA THR A 31 3.27 2.76 -9.71
C THR A 31 2.38 3.71 -10.52
N ILE A 32 1.72 4.62 -9.84
CA ILE A 32 0.67 5.44 -10.45
C ILE A 32 0.75 6.88 -9.94
N PHE A 33 0.81 7.83 -10.86
CA PHE A 33 0.76 9.25 -10.57
C PHE A 33 -0.52 9.89 -11.11
N GLU A 34 -0.93 11.01 -10.55
CA GLU A 34 -2.17 11.61 -11.04
C GLU A 34 -2.03 12.47 -12.29
N ASP A 35 -0.97 13.26 -12.44
CA ASP A 35 -1.02 14.36 -13.43
C ASP A 35 0.39 14.77 -13.83
N ILE A 36 1.27 13.79 -13.97
CA ILE A 36 2.61 14.11 -14.47
C ILE A 36 2.63 14.31 -15.97
N ASN A 37 3.58 15.12 -16.43
CA ASN A 37 3.73 15.35 -17.86
C ASN A 37 4.69 14.32 -18.43
N LEU A 38 4.11 13.37 -19.15
CA LEU A 38 4.95 12.42 -19.85
C LEU A 38 4.69 12.54 -21.34
N PRO A 39 5.81 12.59 -22.04
CA PRO A 39 5.79 12.68 -23.50
C PRO A 39 5.09 11.48 -24.12
N GLY A 40 4.36 11.71 -25.20
CA GLY A 40 3.91 10.70 -26.11
C GLY A 40 2.62 9.96 -25.94
N ARG A 41 2.47 8.89 -26.74
CA ARG A 41 1.25 8.11 -26.65
C ARG A 41 1.36 7.20 -25.43
N TRP A 42 0.20 6.78 -24.97
CA TRP A 42 0.11 5.92 -23.80
C TRP A 42 -0.82 4.80 -24.21
N LYS A 43 -0.79 3.66 -23.54
CA LYS A 43 -1.72 2.59 -23.83
C LYS A 43 -2.76 2.58 -22.72
N PRO A 44 -4.00 2.26 -23.01
CA PRO A 44 -5.01 2.15 -21.94
C PRO A 44 -4.72 0.94 -21.07
N LYS A 45 -4.98 1.05 -19.77
CA LYS A 45 -4.77 -0.09 -18.89
C LYS A 45 -5.83 -0.04 -17.81
N MET A 46 -6.28 -1.15 -17.28
CA MET A 46 -7.20 -1.09 -16.15
C MET A 46 -6.44 -1.41 -14.86
N VAL A 47 -6.81 -0.70 -13.79
CA VAL A 47 -6.23 -1.01 -12.48
CA VAL A 47 -6.23 -0.90 -12.47
C VAL A 47 -7.33 -1.09 -11.43
N GLY A 48 -7.18 -2.05 -10.53
CA GLY A 48 -8.11 -2.24 -9.44
C GLY A 48 -7.74 -1.45 -8.20
N GLY A 49 -8.64 -1.51 -7.22
CA GLY A 49 -8.42 -0.91 -5.92
C GLY A 49 -9.60 -1.23 -5.03
N ILE A 50 -9.52 -0.67 -3.82
CA ILE A 50 -10.55 -1.01 -2.84
C ILE A 50 -11.93 -0.66 -3.37
N GLY A 51 -12.05 0.41 -4.15
CA GLY A 51 -13.41 0.89 -4.46
C GLY A 51 -13.94 0.42 -5.79
N GLY A 52 -13.14 -0.23 -6.62
CA GLY A 52 -13.57 -0.61 -7.97
C GLY A 52 -12.40 -0.50 -8.93
N PHE A 53 -12.66 -0.33 -10.21
CA PHE A 53 -11.58 -0.36 -11.20
C PHE A 53 -11.54 0.92 -12.03
N LEU A 54 -10.35 1.37 -12.36
CA LEU A 54 -10.07 2.59 -13.07
C LEU A 54 -9.39 2.36 -14.42
N LYS A 55 -9.76 3.13 -15.41
CA LYS A 55 -9.02 3.29 -16.65
C LYS A 55 -7.82 4.19 -16.41
N VAL A 56 -6.61 3.79 -16.79
CA VAL A 56 -5.43 4.61 -16.57
C VAL A 56 -4.62 4.67 -17.85
N ARG A 57 -3.63 5.55 -17.92
CA ARG A 57 -2.77 5.68 -19.10
C ARG A 57 -1.43 5.04 -18.77
N GLU A 58 -1.05 4.05 -19.59
CA GLU A 58 0.21 3.36 -19.34
C GLU A 58 1.34 3.94 -20.21
N TYR A 59 2.42 4.31 -19.54
CA TYR A 59 3.60 4.85 -20.20
C TYR A 59 4.78 3.92 -19.93
N ASP A 60 5.49 3.50 -20.96
CA ASP A 60 6.56 2.52 -20.73
C ASP A 60 7.96 3.13 -20.81
N GLN A 61 8.90 2.44 -20.17
CA GLN A 61 10.30 2.79 -20.13
C GLN A 61 10.53 4.25 -19.75
N VAL A 62 9.91 4.58 -18.62
CA VAL A 62 10.05 5.89 -17.98
C VAL A 62 11.13 5.87 -16.94
N PRO A 63 12.08 6.80 -16.95
CA PRO A 63 13.07 6.86 -15.88
C PRO A 63 12.47 7.39 -14.58
N ILE A 64 12.83 6.70 -13.52
CA ILE A 64 12.40 7.00 -12.16
C ILE A 64 13.60 7.04 -11.24
N GLU A 65 13.78 8.14 -10.52
CA GLU A 65 14.87 8.21 -9.56
C GLU A 65 14.32 8.25 -8.14
N ILE A 66 14.64 7.31 -7.28
CA ILE A 66 14.39 7.28 -5.85
C ILE A 66 15.66 7.03 -5.03
N ALA A 67 15.85 7.81 -3.97
CA ALA A 67 17.00 7.77 -3.07
C ALA A 67 18.34 7.56 -3.76
N GLY A 68 18.50 8.07 -4.97
CA GLY A 68 19.76 7.95 -5.68
C GLY A 68 19.77 6.76 -6.61
N HIS A 69 18.66 6.03 -6.68
CA HIS A 69 18.65 4.96 -7.68
C HIS A 69 17.91 5.45 -8.92
N LYS A 70 18.58 5.24 -10.04
CA LYS A 70 17.98 5.50 -11.34
C LYS A 70 17.33 4.23 -11.84
N VAL A 71 16.01 4.15 -12.02
CA VAL A 71 15.55 2.90 -12.65
C VAL A 71 14.63 3.24 -13.83
N ILE A 72 14.42 2.26 -14.71
CA ILE A 72 13.53 2.45 -15.85
C ILE A 72 12.30 1.58 -15.62
N GLY A 73 11.09 2.15 -15.64
CA GLY A 73 9.94 1.28 -15.38
C GLY A 73 8.68 1.73 -16.09
N THR A 74 7.59 1.00 -15.85
CA THR A 74 6.25 1.34 -16.30
C THR A 74 5.60 2.32 -15.34
N VAL A 75 5.06 3.42 -15.84
CA VAL A 75 4.44 4.40 -14.93
C VAL A 75 3.00 4.57 -15.37
N LEU A 76 2.03 4.47 -14.45
CA LEU A 76 0.64 4.70 -14.85
C LEU A 76 0.22 6.11 -14.48
N VAL A 77 -0.63 6.72 -15.29
CA VAL A 77 -1.20 8.02 -14.89
C VAL A 77 -2.69 7.79 -14.77
N GLY A 78 -3.26 8.09 -13.61
CA GLY A 78 -4.68 7.74 -13.41
C GLY A 78 -5.24 8.43 -12.19
N PRO A 79 -6.55 8.34 -12.01
CA PRO A 79 -7.20 9.02 -10.90
C PRO A 79 -7.02 8.31 -9.56
N THR A 80 -5.76 8.10 -9.19
CA THR A 80 -5.49 7.63 -7.83
C THR A 80 -5.55 8.83 -6.90
N PRO A 81 -6.08 8.69 -5.68
CA PRO A 81 -6.12 9.85 -4.77
C PRO A 81 -4.79 10.26 -4.16
N VAL A 82 -3.76 9.45 -4.35
CA VAL A 82 -2.39 9.81 -3.95
C VAL A 82 -1.42 9.09 -4.90
N ASN A 83 -0.31 9.78 -5.22
CA ASN A 83 0.70 9.10 -6.05
C ASN A 83 1.27 7.93 -5.26
N VAL A 84 1.43 6.80 -5.92
CA VAL A 84 1.95 5.60 -5.23
C VAL A 84 3.09 4.98 -6.04
N ILE A 85 4.08 4.59 -5.24
CA ILE A 85 5.19 3.80 -5.72
C ILE A 85 4.88 2.35 -5.34
N GLY A 86 4.68 1.49 -6.36
CA GLY A 86 4.25 0.15 -6.12
C GLY A 86 5.39 -0.85 -6.09
N ARG A 87 5.06 -2.13 -6.00
CA ARG A 87 6.13 -3.14 -5.84
C ARG A 87 6.99 -3.22 -7.10
N ASP A 88 6.40 -2.89 -8.25
CA ASP A 88 7.16 -2.97 -9.50
C ASP A 88 8.39 -2.08 -9.43
N THR A 89 8.26 -0.88 -8.86
CA THR A 89 9.41 0.03 -8.72
C THR A 89 10.26 -0.32 -7.52
N MET A 90 9.63 -0.66 -6.39
CA MET A 90 10.40 -0.91 -5.16
C MET A 90 11.30 -2.12 -5.30
N THR A 91 10.95 -3.11 -6.12
CA THR A 91 11.84 -4.25 -6.32
C THR A 91 13.10 -3.84 -7.06
N GLN A 92 12.93 -2.82 -7.91
CA GLN A 92 14.11 -2.39 -8.68
C GLN A 92 15.09 -1.62 -7.81
N ILE A 93 14.67 -1.10 -6.64
CA ILE A 93 15.66 -0.42 -5.79
C ILE A 93 16.05 -1.25 -4.57
N GLY A 94 15.67 -2.52 -4.58
CA GLY A 94 16.04 -3.45 -3.53
C GLY A 94 15.29 -3.25 -2.23
N ALA A 95 14.11 -2.63 -2.23
CA ALA A 95 13.42 -2.36 -0.97
C ALA A 95 12.94 -3.63 -0.31
N THR A 96 13.01 -3.67 1.02
CA THR A 96 12.53 -4.82 1.76
C THR A 96 11.67 -4.30 2.92
N LEU A 97 10.77 -5.15 3.37
CA LEU A 97 10.02 -4.94 4.60
C LEU A 97 10.68 -5.76 5.69
N ASN A 98 10.89 -5.19 6.86
CA ASN A 98 11.64 -5.87 7.91
C ASN A 98 10.86 -5.80 9.20
N PHE A 99 10.74 -6.93 9.88
CA PHE A 99 10.19 -6.88 11.24
C PHE A 99 10.82 -8.04 12.02
N PRO B 1 11.59 -10.96 10.34
CA PRO B 1 11.93 -11.39 8.99
C PRO B 1 12.30 -10.23 8.08
N GLN B 2 12.90 -10.56 6.93
CA GLN B 2 13.22 -9.56 5.94
C GLN B 2 12.60 -10.04 4.62
N ILE B 3 11.66 -9.23 4.16
CA ILE B 3 10.78 -9.66 3.08
C ILE B 3 11.08 -8.86 1.82
N THR B 4 11.36 -9.54 0.71
CA THR B 4 11.47 -8.79 -0.55
C THR B 4 10.08 -8.60 -1.13
N LEU B 5 9.99 -7.87 -2.23
CA LEU B 5 8.66 -7.44 -2.68
C LEU B 5 8.34 -7.94 -4.07
N TRP B 6 8.98 -9.09 -4.42
CA TRP B 6 8.73 -9.67 -5.74
C TRP B 6 7.35 -10.31 -5.84
N LYS B 7 6.78 -10.66 -4.71
CA LYS B 7 5.41 -11.18 -4.63
C LYS B 7 4.70 -10.39 -3.55
N ARG B 8 3.37 -10.47 -3.50
CA ARG B 8 2.63 -9.75 -2.48
C ARG B 8 3.06 -10.14 -1.08
N PRO B 9 3.37 -9.21 -0.19
CA PRO B 9 3.87 -9.55 1.15
C PRO B 9 2.77 -9.95 2.12
N PHE B 10 2.19 -11.13 1.89
CA PHE B 10 1.25 -11.67 2.87
C PHE B 10 1.96 -12.16 4.14
N VAL B 11 1.23 -12.01 5.25
CA VAL B 11 1.67 -12.59 6.50
C VAL B 11 0.48 -13.30 7.17
N THR B 12 0.80 -14.27 8.01
CA THR B 12 -0.18 -14.94 8.86
C THR B 12 -0.55 -14.04 10.04
N VAL B 13 -1.85 -13.85 10.29
CA VAL B 13 -2.17 -13.19 11.55
C VAL B 13 -3.36 -13.91 12.19
N LYS B 14 -3.42 -13.80 13.52
CA LYS B 14 -4.60 -14.34 14.20
C LYS B 14 -5.49 -13.20 14.67
N VAL B 15 -6.77 -13.29 14.34
CA VAL B 15 -7.69 -12.20 14.70
C VAL B 15 -9.07 -12.78 14.94
N GLY B 16 -9.69 -12.38 16.07
CA GLY B 16 -10.99 -12.95 16.41
C GLY B 16 -10.86 -14.46 16.50
N GLY B 17 -9.70 -14.97 16.90
CA GLY B 17 -9.56 -16.40 17.10
C GLY B 17 -9.26 -17.18 15.83
N GLN B 18 -9.24 -16.52 14.67
CA GLN B 18 -9.08 -17.22 13.39
C GLN B 18 -7.75 -16.88 12.75
N LEU B 19 -7.13 -17.85 12.11
CA LEU B 19 -5.90 -17.56 11.37
C LEU B 19 -6.32 -17.04 9.99
N LYS B 20 -5.81 -15.86 9.69
CA LYS B 20 -6.06 -15.15 8.46
C LYS B 20 -4.74 -14.68 7.83
N GLU B 21 -4.87 -14.29 6.56
CA GLU B 21 -3.75 -13.79 5.79
C GLU B 21 -4.05 -12.36 5.37
N ALA B 22 -3.00 -11.53 5.37
CA ALA B 22 -3.24 -10.13 5.03
C ALA B 22 -1.96 -9.52 4.49
N LEU B 23 -2.08 -8.47 3.65
CA LEU B 23 -0.89 -7.84 3.12
C LEU B 23 -0.24 -6.90 4.12
N LEU B 24 1.06 -6.98 4.29
CA LEU B 24 1.75 -5.93 5.05
C LEU B 24 1.78 -4.71 4.13
N ASP B 25 0.98 -3.71 4.44
CA ASP B 25 0.70 -2.68 3.45
C ASP B 25 1.07 -1.30 3.93
N THR B 26 2.23 -0.80 3.50
CA THR B 26 2.67 0.52 3.94
C THR B 26 1.80 1.64 3.37
N GLY B 27 0.97 1.38 2.37
CA GLY B 27 0.14 2.48 1.87
C GLY B 27 -1.20 2.53 2.57
N ALA B 28 -1.42 1.59 3.50
CA ALA B 28 -2.71 1.50 4.19
C ALA B 28 -2.63 2.16 5.56
N ASP B 29 -3.40 3.21 5.85
CA ASP B 29 -3.34 3.82 7.18
C ASP B 29 -3.81 2.85 8.25
N ASN B 30 -4.83 2.07 7.93
CA ASN B 30 -5.42 1.13 8.88
C ASN B 30 -5.44 -0.29 8.35
N THR B 31 -5.60 -1.22 9.29
CA THR B 31 -5.79 -2.64 9.04
C THR B 31 -7.24 -2.88 8.66
N ILE B 32 -7.49 -3.61 7.59
CA ILE B 32 -8.86 -3.94 7.17
C ILE B 32 -8.96 -5.42 6.85
N PHE B 33 -9.99 -6.08 7.38
CA PHE B 33 -10.26 -7.48 7.12
C PHE B 33 -11.67 -7.63 6.55
N GLU B 34 -11.87 -8.62 5.71
CA GLU B 34 -13.24 -8.95 5.31
C GLU B 34 -13.72 -10.19 6.05
N ASP B 35 -15.00 -10.26 6.35
CA ASP B 35 -15.63 -11.42 6.95
C ASP B 35 -14.91 -11.95 8.18
N ILE B 36 -14.89 -11.15 9.24
CA ILE B 36 -14.41 -11.63 10.52
C ILE B 36 -15.42 -11.19 11.59
N ASN B 37 -15.57 -12.02 12.62
CA ASN B 37 -16.61 -11.64 13.57
C ASN B 37 -15.91 -11.28 14.88
N LEU B 38 -16.06 -10.01 15.23
CA LEU B 38 -15.49 -9.46 16.46
C LEU B 38 -16.62 -9.17 17.43
N PRO B 39 -16.29 -9.21 18.70
CA PRO B 39 -17.29 -9.15 19.75
C PRO B 39 -17.59 -7.74 20.23
N GLY B 40 -16.62 -6.84 20.21
CA GLY B 40 -16.91 -5.55 20.83
C GLY B 40 -17.88 -4.69 20.04
N ARG B 41 -18.12 -3.50 20.56
CA ARG B 41 -18.87 -2.47 19.85
C ARG B 41 -18.06 -1.91 18.70
N TRP B 42 -18.74 -1.56 17.61
CA TRP B 42 -18.10 -0.92 16.48
C TRP B 42 -18.75 0.41 16.15
N LYS B 43 -18.04 1.26 15.41
CA LYS B 43 -18.63 2.50 14.93
C LYS B 43 -18.42 2.54 13.41
N PRO B 44 -19.37 3.13 12.69
CA PRO B 44 -19.23 3.18 11.24
C PRO B 44 -18.11 4.11 10.80
N LYS B 45 -17.44 3.67 9.74
CA LYS B 45 -16.35 4.50 9.19
C LYS B 45 -16.34 4.37 7.67
N MET B 46 -15.88 5.39 6.95
CA MET B 46 -15.70 5.21 5.51
C MET B 46 -14.21 5.40 5.19
N VAL B 47 -13.65 4.53 4.35
CA VAL B 47 -12.25 4.75 3.96
C VAL B 47 -12.17 4.96 2.46
N GLY B 48 -11.12 5.57 1.94
CA GLY B 48 -11.10 5.71 0.48
C GLY B 48 -9.77 5.25 -0.09
N GLY B 49 -9.79 4.86 -1.37
CA GLY B 49 -8.58 4.36 -2.01
C GLY B 49 -8.78 4.51 -3.52
N ILE B 50 -8.07 3.64 -4.24
CA ILE B 50 -8.25 3.63 -5.70
C ILE B 50 -9.62 3.08 -6.02
N GLY B 51 -10.35 3.77 -6.90
CA GLY B 51 -11.67 3.38 -7.32
C GLY B 51 -12.76 3.85 -6.37
N GLY B 52 -12.41 4.55 -5.27
CA GLY B 52 -13.45 5.15 -4.45
C GLY B 52 -13.45 4.72 -3.00
N PHE B 53 -14.59 4.81 -2.36
CA PHE B 53 -14.78 4.61 -0.94
C PHE B 53 -15.30 3.23 -0.57
N LEU B 54 -15.10 2.84 0.68
CA LEU B 54 -15.55 1.56 1.22
C LEU B 54 -16.17 1.84 2.57
N LYS B 55 -17.37 1.35 2.83
CA LYS B 55 -17.92 1.51 4.18
C LYS B 55 -17.46 0.34 5.05
N VAL B 56 -17.00 0.63 6.27
CA VAL B 56 -16.50 -0.43 7.13
C VAL B 56 -17.02 -0.25 8.55
N ARG B 57 -16.84 -1.28 9.37
CA ARG B 57 -17.09 -1.20 10.79
C ARG B 57 -15.74 -0.98 11.50
N GLU B 58 -15.66 0.01 12.36
CA GLU B 58 -14.40 0.21 13.10
C GLU B 58 -14.52 -0.38 14.49
N TYR B 59 -13.61 -1.31 14.81
CA TYR B 59 -13.52 -1.90 16.13
C TYR B 59 -12.23 -1.37 16.78
N ASP B 60 -12.36 -0.76 17.94
CA ASP B 60 -11.18 -0.16 18.55
C ASP B 60 -10.59 -1.07 19.63
N GLN B 61 -9.29 -0.88 19.87
CA GLN B 61 -8.59 -1.67 20.88
C GLN B 61 -8.88 -3.16 20.79
N VAL B 62 -8.71 -3.72 19.60
CA VAL B 62 -8.84 -5.12 19.29
C VAL B 62 -7.51 -5.87 19.32
N PRO B 63 -7.46 -7.03 19.94
CA PRO B 63 -6.25 -7.85 19.90
C PRO B 63 -6.02 -8.55 18.56
N ILE B 64 -4.78 -8.49 18.10
CA ILE B 64 -4.39 -9.23 16.92
C ILE B 64 -3.01 -9.83 17.12
N GLU B 65 -2.82 -11.07 16.66
CA GLU B 65 -1.47 -11.64 16.75
C GLU B 65 -0.80 -11.56 15.39
N ILE B 66 0.41 -11.02 15.35
CA ILE B 66 1.08 -10.93 14.05
C ILE B 66 2.57 -11.21 14.16
N ALA B 67 2.96 -12.24 13.42
CA ALA B 67 3.91 -13.25 13.75
C ALA B 67 3.55 -13.75 15.16
N GLY B 68 4.46 -13.46 16.09
CA GLY B 68 4.27 -13.87 17.46
C GLY B 68 3.94 -12.75 18.40
N HIS B 69 3.54 -11.59 17.88
CA HIS B 69 3.29 -10.52 18.86
C HIS B 69 1.81 -10.14 18.93
N LYS B 70 1.39 -9.94 20.18
CA LYS B 70 0.05 -9.50 20.55
C LYS B 70 -0.06 -7.98 20.39
N VAL B 71 -0.71 -7.55 19.32
CA VAL B 71 -0.95 -6.14 19.08
C VAL B 71 -2.42 -5.79 19.35
N ILE B 72 -2.64 -4.78 20.16
CA ILE B 72 -3.98 -4.29 20.48
C ILE B 72 -4.17 -2.93 19.83
N GLY B 73 -5.26 -2.80 19.05
CA GLY B 73 -5.36 -1.59 18.25
C GLY B 73 -6.61 -1.68 17.36
N THR B 74 -6.72 -0.70 16.47
CA THR B 74 -7.90 -0.62 15.61
C THR B 74 -7.89 -1.62 14.47
N VAL B 75 -9.04 -2.23 14.23
CA VAL B 75 -9.26 -3.13 13.11
C VAL B 75 -10.55 -2.74 12.40
N LEU B 76 -10.47 -2.49 11.10
CA LEU B 76 -11.69 -2.21 10.32
C LEU B 76 -12.15 -3.50 9.66
N VAL B 77 -13.46 -3.61 9.46
CA VAL B 77 -14.03 -4.80 8.84
C VAL B 77 -14.98 -4.35 7.74
N GLY B 78 -14.78 -4.90 6.55
CA GLY B 78 -15.64 -4.44 5.44
C GLY B 78 -15.26 -5.27 4.22
N PRO B 79 -16.06 -5.13 3.17
CA PRO B 79 -15.85 -5.92 1.95
C PRO B 79 -14.66 -5.50 1.09
N THR B 80 -13.45 -5.50 1.64
CA THR B 80 -12.25 -5.26 0.82
C THR B 80 -11.90 -6.54 0.06
N PRO B 81 -11.31 -6.44 -1.13
CA PRO B 81 -10.94 -7.60 -1.93
C PRO B 81 -9.73 -8.34 -1.37
N VAL B 82 -8.94 -7.64 -0.55
CA VAL B 82 -7.77 -8.27 0.07
C VAL B 82 -7.62 -7.74 1.50
N ASN B 83 -7.31 -8.59 2.47
CA ASN B 83 -7.09 -8.09 3.83
C ASN B 83 -5.76 -7.36 3.91
N VAL B 84 -5.68 -6.29 4.69
CA VAL B 84 -4.42 -5.55 4.72
C VAL B 84 -4.09 -5.20 6.17
N ILE B 85 -2.80 -5.29 6.47
CA ILE B 85 -2.27 -4.83 7.76
C ILE B 85 -1.77 -3.40 7.54
N GLY B 86 -2.32 -2.42 8.23
CA GLY B 86 -1.98 -1.02 7.99
C GLY B 86 -0.85 -0.54 8.89
N ARG B 87 -0.49 0.73 8.66
CA ARG B 87 0.63 1.29 9.42
C ARG B 87 0.39 1.27 10.93
N ASP B 88 -0.86 1.49 11.33
CA ASP B 88 -1.03 1.63 12.80
C ASP B 88 -0.62 0.32 13.46
N THR B 89 -1.04 -0.80 12.87
CA THR B 89 -0.63 -2.08 13.42
C THR B 89 0.85 -2.34 13.23
N MET B 90 1.37 -2.07 12.02
CA MET B 90 2.78 -2.36 11.79
C MET B 90 3.72 -1.55 12.67
N THR B 91 3.37 -0.31 13.01
CA THR B 91 4.29 0.43 13.89
C THR B 91 4.47 -0.28 15.23
N GLN B 92 3.45 -1.04 15.65
CA GLN B 92 3.54 -1.58 17.01
C GLN B 92 4.49 -2.76 17.06
N ILE B 93 4.88 -3.31 15.91
CA ILE B 93 5.82 -4.42 15.86
C ILE B 93 7.16 -3.96 15.31
N GLY B 94 7.32 -2.66 15.13
CA GLY B 94 8.59 -2.10 14.70
C GLY B 94 8.93 -2.44 13.26
N ALA B 95 7.90 -2.59 12.40
CA ALA B 95 8.14 -2.89 10.98
C ALA B 95 8.67 -1.66 10.26
N THR B 96 9.62 -1.88 9.34
CA THR B 96 10.21 -0.78 8.63
C THR B 96 10.42 -1.16 7.15
N LEU B 97 10.50 -0.10 6.34
CA LEU B 97 10.88 -0.24 4.95
C LEU B 97 12.36 0.15 4.82
N ASN B 98 13.09 -0.68 4.10
CA ASN B 98 14.53 -0.50 3.99
C ASN B 98 14.99 -0.54 2.55
N PHE B 99 15.88 0.38 2.20
CA PHE B 99 16.58 0.27 0.92
C PHE B 99 17.86 1.11 0.91
C2 G52 C . -7.05 2.38 4.60
C3 G52 C . -6.44 1.16 4.31
C4 G52 C . -6.30 0.75 2.99
C5 G52 C . -6.69 1.59 1.97
C6 G52 C . -7.29 2.80 2.23
C7 G52 C . -7.47 3.20 3.57
S8 G52 C . -6.43 1.05 0.30
O9 G52 C . -6.54 -0.43 0.26
O10 G52 C . -7.38 1.75 -0.61
N11 G52 C . -4.95 1.52 -0.20
C12 G52 C . -4.66 2.93 -0.09
C13 G52 C . -3.69 3.40 -1.18
C14 G52 C . -4.30 3.19 -2.59
C15 G52 C . -3.40 4.90 -1.01
C16 G52 C . -3.85 0.63 0.11
C17 G52 C . -3.17 0.05 -1.14
O18 G52 C . -1.97 -0.62 -0.80
C19 G52 C . -4.10 -0.88 -1.90
N20 G52 C . -3.48 -1.24 -3.20
C21 G52 C . -3.93 -0.75 -4.35
O22 G52 C . -4.93 -0.02 -4.44
O23 G52 C . -3.15 -1.10 -5.41
C24 G52 C . -3.67 -0.70 -6.68
C25 G52 C . -2.53 -0.09 -7.50
O26 G52 C . -1.75 -1.21 -7.89
C27 G52 C . -2.54 -2.38 -7.92
O28 G52 C . -2.09 -3.36 -7.00
C29 G52 C . -3.14 -3.83 -6.17
C30 G52 C . -4.42 -3.16 -6.66
C31 G52 C . -3.95 -1.97 -7.50
C32 G52 C . -4.29 -2.25 -1.20
C33 G52 C . -4.70 -4.15 -2.82
C34 G52 C . -5.54 -4.88 -3.66
C35 G52 C . -6.88 -4.51 -3.76
C36 G52 C . -7.43 -3.49 -3.00
C37 G52 C . -6.56 -2.77 -2.17
C38 G52 C . -5.22 -3.10 -2.10
O39 G52 C . -7.08 2.73 5.91
C40 G52 C . -7.48 4.08 6.17
O41 G52 C . -3.29 -5.23 -6.40
C42 G52 C . -4.10 -5.38 -7.58
C43 G52 C . -5.10 -4.22 -7.53
I IOD D . 1.41 14.46 -10.06
I IOD E . 10.19 2.77 16.64
I IOD F . -10.24 10.61 -18.85
I IOD G . 13.07 10.59 0.27
I IOD H . 14.34 8.46 0.44
I IOD I . 3.51 15.59 -6.07
I IOD J . 1.41 12.82 -3.33
I IOD K . 15.08 11.81 -6.47
I IOD L . 11.58 7.20 9.28
I IOD M . -1.53 13.42 -0.59
I IOD N . 13.98 11.13 -14.15
I IOD O . -5.57 8.94 -0.01
I IOD P . -7.54 -1.59 -21.31
I IOD Q . 9.23 -0.91 -19.71
C ACT R . -8.18 7.81 -19.76
O ACT R . -9.18 8.49 -19.49
OXT ACT R . -7.09 8.22 -19.37
CH3 ACT R . -8.34 6.52 -20.56
C2 G52 S . -21.74 1.71 7.17
C3 G52 S . -20.85 1.03 8.00
C4 G52 S . -21.12 -0.27 8.38
C5 G52 S . -22.28 -0.90 7.96
C6 G52 S . -23.19 -0.21 7.14
C7 G52 S . -22.92 1.09 6.75
O39 G52 S . -21.49 3.00 6.83
I IOD T . -17.51 -7.93 5.37
I IOD U . -7.63 -15.08 4.62
I IOD V . -24.87 -0.15 3.09
I IOD W . -1.91 5.36 24.54
I IOD X . -0.11 -15.50 13.90
I IOD Y . 4.44 -15.09 8.07
I IOD Z . -15.41 8.64 8.34
I IOD AA . -13.41 -6.75 19.68
#